data_4E8Q
#
_entry.id   4E8Q
#
_cell.length_a   89.459
_cell.length_b   95.680
_cell.length_c   225.144
_cell.angle_alpha   90.00
_cell.angle_beta   90.00
_cell.angle_gamma   90.00
#
_symmetry.space_group_name_H-M   'P 21 21 21'
#
loop_
_entity.id
_entity.type
_entity.pdbx_description
1 polymer 'Group IIC intron'
2 non-polymer 'THALLIUM (I) ION'
3 non-polymer 'MAGNESIUM ION'
4 non-polymer SPERMINE
5 non-polymer '4-(2-HYDROXYETHYL)-1-PIPERAZINE ETHANESULFONIC ACID'
6 water water
#
_entity_poly.entity_id   1
_entity_poly.type   'polyribonucleotide'
_entity_poly.pdbx_seq_one_letter_code
;GGGGUGUGCCCGGCAUGGGUGCAGUCUAUAGGGUGAGAGUCCCGAACUGUGAAGGCAGAAGUAACAGUUAGCCUAACGCA
AGGGUGUCCGUGGCGACAUGGAAUCUGAAGGAAGCGGACGGCAAACCUUCGGUCUGAGGAACACGAACUUCAUAUGAGGC
UAGGUAUCAAUGGAUGAGUUUGCAUAACAAAACAAAGUCCUUUCUGCCAAAGUUGGUACAGAGUAAAUGAAGCAGAUUGA
UGAAGGGAAAGACUGCAUUCUUACCCGGGGAGGUCUGGAAACAGAAGUCAGCAGAAGUCAUAGUACCCUGUUCGCAGGGG
AAGGACGGAACAAGUAUGGCGUUCGCGCCUAAGCUUGAACCGCCGUAUACCGAACGGUACGUACGGUGGUGUG
;
_entity_poly.pdbx_strand_id   A
#
loop_
_chem_comp.id
_chem_comp.type
_chem_comp.name
_chem_comp.formula
A RNA linking ADENOSINE-5'-MONOPHOSPHATE 'C10 H14 N5 O7 P'
C RNA linking CYTIDINE-5'-MONOPHOSPHATE 'C9 H14 N3 O8 P'
EPE non-polymer '4-(2-HYDROXYETHYL)-1-PIPERAZINE ETHANESULFONIC ACID' 'C8 H18 N2 O4 S'
G RNA linking GUANOSINE-5'-MONOPHOSPHATE 'C10 H14 N5 O8 P'
MG non-polymer 'MAGNESIUM ION' 'Mg 2'
SPM non-polymer SPERMINE 'C10 H26 N4'
TL non-polymer 'THALLIUM (I) ION' 'Tl 1'
U RNA linking URIDINE-5'-MONOPHOSPHATE 'C9 H13 N2 O9 P'
#
# COMPACT_ATOMS: atom_id res chain seq x y z
TL TL B . -0.18 18.95 5.73
TL TL C . -41.18 5.52 6.96
TL TL D . -28.35 7.51 10.43
TL TL E . -35.88 10.94 -2.92
TL TL F . 28.53 -17.08 -13.68
TL TL G . -18.85 3.30 -14.80
TL TL H . -14.31 -4.91 -1.20
TL TL I . -52.90 -4.90 14.17
TL TL J . -30.71 -10.55 25.23
TL TL K . 39.43 24.22 -8.93
TL TL L . -19.72 -5.70 -13.47
TL TL M . -9.81 3.65 -11.25
TL TL N . 36.26 15.82 2.70
TL TL O . 14.84 0.99 -21.41
TL TL P . -18.14 -6.40 -2.86
TL TL Q . -21.50 -6.02 -10.51
TL TL R . -17.48 14.90 3.89
MG MG S . -7.54 -0.20 5.12
MG MG T . 19.90 4.78 7.12
MG MG U . -19.44 7.10 -1.54
MG MG V . 16.21 -2.20 -7.39
MG MG W . -26.89 -2.00 6.01
MG MG X . -40.96 0.51 -14.02
MG MG Y . -18.53 -9.00 -10.64
MG MG Z . -15.31 -8.40 -9.70
MG MG AA . -3.74 0.16 -13.29
MG MG BA . -23.30 -7.81 0.03
MG MG CA . -8.30 -3.32 -15.49
MG MG DA . 33.15 -12.24 5.10
MG MG EA . -11.96 4.54 -14.51
MG MG FA . -9.66 -10.23 -25.55
MG MG GA . 23.43 5.89 11.04
MG MG HA . -27.93 -1.14 15.58
MG MG IA . 24.76 -23.85 -13.28
MG MG JA . 4.96 -11.59 -11.71
MG MG KA . -29.48 3.54 -6.23
MG MG LA . 18.36 3.44 -8.19
MG MG MA . -32.97 -3.97 -15.59
MG MG NA . -6.16 -6.35 10.61
MG MG OA . -25.65 -1.93 -22.81
MG MG PA . -35.04 4.15 15.30
MG MG QA . -15.30 4.44 -36.71
MG MG RA . -1.18 -26.14 -30.50
MG MG SA . -22.84 3.65 -17.31
MG MG TA . -9.82 22.45 4.60
MG MG UA . 32.68 -2.94 1.46
MG MG VA . -8.87 -1.26 -32.53
N1 SPM WA . 28.35 -25.47 0.95
C2 SPM WA . 28.36 -24.35 1.89
C3 SPM WA . 26.97 -23.70 1.98
C4 SPM WA . 26.54 -23.27 3.40
N5 SPM WA . 26.30 -21.85 3.64
C6 SPM WA . 25.93 -21.36 4.98
C7 SPM WA . 26.46 -19.97 5.34
C8 SPM WA . 26.11 -19.54 6.77
C9 SPM WA . 27.31 -19.54 7.74
N10 SPM WA . 27.71 -18.21 8.21
C11 SPM WA . 28.99 -18.06 8.91
C12 SPM WA . 29.78 -16.75 8.67
C13 SPM WA . 30.64 -16.70 7.40
N14 SPM WA . 29.89 -16.31 6.20
N1 EPE XA . -36.73 30.16 0.16
C2 EPE XA . -37.66 29.34 -0.64
C3 EPE XA . -37.70 29.83 -2.08
N4 EPE XA . -36.36 29.87 -2.67
C5 EPE XA . -35.45 30.67 -1.83
C6 EPE XA . -35.39 30.05 -0.44
C9 EPE XA . -36.72 29.69 1.56
C10 EPE XA . -36.61 30.87 2.51
S EPE XA . -35.05 30.99 3.09
O1S EPE XA . -34.80 32.32 3.60
O2S EPE XA . -34.84 30.04 4.16
O3S EPE XA . -33.99 30.73 1.86
N1 EPE YA . 17.46 -4.56 10.61
C2 EPE YA . 17.98 -3.58 11.58
C3 EPE YA . 16.94 -3.42 12.70
N4 EPE YA . 16.57 -4.74 13.30
C5 EPE YA . 16.15 -5.73 12.28
C6 EPE YA . 17.26 -5.88 11.25
C7 EPE YA . 15.50 -4.58 14.28
C8 EPE YA . 16.06 -4.80 15.68
O8 EPE YA . 15.65 -6.10 16.13
C9 EPE YA . 18.34 -4.70 9.44
C10 EPE YA . 17.85 -3.72 8.37
S EPE YA . 16.38 -4.20 7.73
O1S EPE YA . 16.36 -5.65 7.67
O2S EPE YA . 15.30 -3.65 8.49
O3S EPE YA . 16.31 -3.58 6.21
N1 EPE ZA . 30.33 6.91 -12.94
C2 EPE ZA . 30.36 6.68 -11.47
C3 EPE ZA . 31.74 6.99 -10.89
N4 EPE ZA . 32.26 8.30 -11.33
C5 EPE ZA . 31.17 9.05 -11.97
C6 EPE ZA . 30.80 8.31 -13.24
C9 EPE ZA . 29.02 6.53 -13.57
C10 EPE ZA . 27.93 7.64 -13.64
S EPE ZA . 26.29 7.24 -13.55
O1S EPE ZA . 25.96 6.01 -12.83
O2S EPE ZA . 25.67 8.36 -12.94
O3S EPE ZA . 25.59 7.22 -15.02
S EPE AB . -25.96 -7.97 22.03
O1S EPE AB . -26.66 -8.17 20.78
O2S EPE AB . -25.53 -9.25 22.55
O3S EPE AB . -27.01 -7.37 23.14
S EPE BB . -7.92 -11.86 17.91
O1S EPE BB . -8.57 -13.13 18.10
O2S EPE BB . -8.73 -10.79 18.41
O3S EPE BB . -7.58 -11.65 16.31
#